data_4E4N
#
_entry.id   4E4N
#
_cell.length_a   42.640
_cell.length_b   173.239
_cell.length_c   44.799
_cell.angle_alpha   90.00
_cell.angle_beta   94.22
_cell.angle_gamma   90.00
#
_symmetry.space_group_name_H-M   'P 1 21 1'
#
loop_
_entity.id
_entity.type
_entity.pdbx_description
1 polymer 'Tyrosine-protein kinase JAK1'
2 non-polymer 'tert-butyl [(1R,3R)-3-(imidazo[4,5-d]pyrrolo[2,3-b]pyridin-1(6H)-yl)cyclopentyl]carbamate'
3 water water
#
_entity_poly.entity_id   1
_entity_poly.type   'polypeptide(L)'
_entity_poly.pdbx_seq_one_letter_code
;GDIVSEKKPATEVDPTHFEKRFLKRIRDLGEGHFGKVELCRYDPEGDNTGEQVAVKSLKPESGGNHIADLKKEIEILRNL
YHENIVKYKGICTEDGGNGIKLIMEFLPSGSLKEYLPKNKNKINLKQQLKYAVQICKGMDYLGSRQYVHRDLAARNVLVE
SEHQVKIGDFGLTKAIETDKE(PTR)(PTR)TVKDDRDSPVFWYAPECLMQSKFYIASDVWSFGVTLHELLTYCDSDSSP
MALFLKMIGPTHGQMTVTRLVNTLKEGKRLPCPPNCPDEVYQLMRKCWEFQPSNRTSFQNLIEGFEALLK
;
_entity_poly.pdbx_strand_id   A,B
#
# COMPACT_ATOMS: atom_id res chain seq x y z
N GLY A 1 -17.19 -70.20 10.18
CA GLY A 1 -18.62 -69.77 10.30
C GLY A 1 -18.99 -68.70 9.30
N ASP A 2 -19.95 -67.83 9.68
CA ASP A 2 -20.41 -66.74 8.83
C ASP A 2 -19.43 -65.57 8.87
N ILE A 3 -19.51 -64.69 7.87
CA ILE A 3 -18.73 -63.46 7.84
C ILE A 3 -19.08 -62.64 9.10
N VAL A 4 -18.06 -62.14 9.78
CA VAL A 4 -18.28 -61.24 10.90
C VAL A 4 -18.34 -59.81 10.40
N SER A 5 -19.30 -59.05 10.92
CA SER A 5 -19.49 -57.65 10.54
C SER A 5 -19.70 -56.84 11.81
N GLU A 6 -19.76 -55.52 11.68
CA GLU A 6 -19.88 -54.66 12.85
C GLU A 6 -21.35 -54.42 13.20
N LYS A 7 -21.69 -54.63 14.47
CA LYS A 7 -23.00 -54.27 15.01
C LYS A 7 -23.25 -52.80 14.69
N LYS A 8 -24.28 -52.52 13.91
CA LYS A 8 -24.62 -51.12 13.57
C LYS A 8 -25.20 -50.41 14.81
N PRO A 9 -24.52 -49.35 15.29
CA PRO A 9 -25.03 -48.62 16.45
C PRO A 9 -26.19 -47.69 16.07
N ALA A 10 -26.95 -47.26 17.08
CA ALA A 10 -28.13 -46.42 16.87
C ALA A 10 -27.76 -45.03 16.34
N THR A 11 -27.83 -44.87 15.03
CA THR A 11 -27.47 -43.60 14.38
C THR A 11 -28.47 -42.49 14.70
N GLU A 12 -27.95 -41.30 14.98
CA GLU A 12 -28.76 -40.13 15.27
C GLU A 12 -28.47 -39.06 14.22
N VAL A 13 -29.48 -38.28 13.85
CA VAL A 13 -29.26 -37.17 12.93
C VAL A 13 -28.71 -35.96 13.69
N ASP A 14 -27.61 -35.40 13.18
CA ASP A 14 -27.08 -34.12 13.65
C ASP A 14 -27.65 -33.02 12.74
N PRO A 15 -28.50 -32.14 13.28
CA PRO A 15 -29.16 -31.10 12.45
C PRO A 15 -28.21 -29.99 12.04
N THR A 16 -26.97 -30.03 12.52
CA THR A 16 -25.94 -29.09 12.08
C THR A 16 -24.97 -29.68 11.06
N HIS A 17 -25.18 -30.93 10.62
CA HIS A 17 -24.37 -31.53 9.55
C HIS A 17 -25.19 -31.53 8.28
N PHE A 18 -24.69 -30.80 7.29
CA PHE A 18 -25.37 -30.66 6.03
C PHE A 18 -24.60 -31.53 5.04
N GLU A 19 -25.30 -32.43 4.38
CA GLU A 19 -24.69 -33.33 3.39
C GLU A 19 -24.42 -32.61 2.08
N LYS A 20 -23.23 -32.80 1.54
CA LYS A 20 -22.86 -32.16 0.28
C LYS A 20 -23.87 -32.45 -0.83
N ARG A 21 -24.35 -33.68 -0.89
CA ARG A 21 -25.22 -34.13 -1.98
C ARG A 21 -26.61 -33.45 -2.05
N PHE A 22 -27.06 -32.87 -0.93
CA PHE A 22 -28.34 -32.15 -0.89
C PHE A 22 -28.21 -30.63 -0.91
N LEU A 23 -26.97 -30.14 -0.92
CA LEU A 23 -26.73 -28.71 -0.84
C LEU A 23 -26.55 -28.19 -2.27
N LYS A 24 -27.59 -27.53 -2.76
CA LYS A 24 -27.72 -27.19 -4.17
C LYS A 24 -27.62 -25.69 -4.40
N ARG A 25 -26.65 -25.29 -5.22
CA ARG A 25 -26.35 -23.88 -5.44
C ARG A 25 -27.46 -23.18 -6.21
N ILE A 26 -27.78 -21.96 -5.78
CA ILE A 26 -28.68 -21.10 -6.54
C ILE A 26 -27.90 -19.95 -7.20
N ARG A 27 -27.16 -19.18 -6.41
CA ARG A 27 -26.39 -18.05 -6.93
C ARG A 27 -25.38 -17.56 -5.89
N ASP A 28 -24.50 -16.65 -6.31
CA ASP A 28 -23.56 -16.00 -5.39
C ASP A 28 -24.18 -14.83 -4.60
N LEU A 29 -23.86 -14.76 -3.32
CA LEU A 29 -24.19 -13.62 -2.44
C LEU A 29 -23.02 -12.65 -2.25
N GLY A 30 -21.80 -13.17 -2.36
CA GLY A 30 -20.60 -12.33 -2.29
C GLY A 30 -19.37 -13.15 -2.61
N GLU A 31 -18.28 -12.46 -2.96
CA GLU A 31 -17.01 -13.15 -3.09
C GLU A 31 -15.81 -12.23 -2.92
N GLY A 32 -14.68 -12.86 -2.62
CA GLY A 32 -13.40 -12.18 -2.49
C GLY A 32 -12.33 -13.00 -3.17
N HIS A 33 -11.08 -12.71 -2.84
CA HIS A 33 -9.95 -13.34 -3.55
C HIS A 33 -9.65 -14.76 -3.05
N PHE A 34 -10.21 -15.13 -1.90
CA PHE A 34 -9.96 -16.44 -1.29
C PHE A 34 -11.25 -17.26 -1.07
N GLY A 35 -12.41 -16.64 -1.22
CA GLY A 35 -13.66 -17.32 -0.95
C GLY A 35 -14.93 -16.68 -1.49
N LYS A 36 -16.05 -17.33 -1.15
CA LYS A 36 -17.36 -16.88 -1.56
C LYS A 36 -18.43 -17.27 -0.55
N VAL A 37 -19.53 -16.56 -0.64
CA VAL A 37 -20.75 -16.90 0.05
C VAL A 37 -21.80 -17.09 -1.03
N GLU A 38 -22.45 -18.25 -0.99
CA GLU A 38 -23.43 -18.62 -2.01
C GLU A 38 -24.81 -18.89 -1.39
N LEU A 39 -25.85 -18.57 -2.16
CA LEU A 39 -27.20 -18.97 -1.82
C LEU A 39 -27.41 -20.40 -2.31
N CYS A 40 -27.74 -21.30 -1.38
CA CYS A 40 -28.08 -22.66 -1.71
C CYS A 40 -29.42 -23.03 -1.12
N ARG A 41 -30.04 -24.07 -1.67
CA ARG A 41 -31.16 -24.73 -1.05
C ARG A 41 -30.68 -26.08 -0.55
N TYR A 42 -30.88 -26.36 0.74
CA TYR A 42 -30.60 -27.70 1.24
C TYR A 42 -31.84 -28.55 0.99
N ASP A 43 -31.77 -29.45 0.02
CA ASP A 43 -32.96 -30.08 -0.54
C ASP A 43 -32.95 -31.62 -0.50
N PRO A 44 -32.89 -32.21 0.70
CA PRO A 44 -32.82 -33.66 0.86
C PRO A 44 -33.99 -34.41 0.23
N GLU A 45 -35.14 -33.76 0.07
CA GLU A 45 -36.29 -34.39 -0.59
C GLU A 45 -36.28 -34.21 -2.12
N GLY A 46 -35.41 -33.34 -2.62
CA GLY A 46 -35.23 -33.17 -4.06
C GLY A 46 -36.44 -32.66 -4.81
N ASP A 47 -37.26 -31.84 -4.16
CA ASP A 47 -38.48 -31.28 -4.78
C ASP A 47 -38.53 -29.76 -4.68
N ASN A 48 -37.37 -29.13 -4.46
CA ASN A 48 -37.27 -27.67 -4.36
C ASN A 48 -38.10 -27.05 -3.21
N THR A 49 -38.31 -27.82 -2.14
CA THR A 49 -39.02 -27.29 -0.97
C THR A 49 -38.12 -27.11 0.24
N GLY A 50 -36.85 -27.46 0.09
CA GLY A 50 -35.89 -27.37 1.17
C GLY A 50 -35.59 -25.94 1.58
N GLU A 51 -34.94 -25.81 2.72
CA GLU A 51 -34.61 -24.53 3.31
C GLU A 51 -33.51 -23.84 2.51
N GLN A 52 -33.67 -22.53 2.27
CA GLN A 52 -32.59 -21.73 1.69
C GLN A 52 -31.59 -21.38 2.79
N VAL A 53 -30.31 -21.51 2.48
CA VAL A 53 -29.22 -21.23 3.41
C VAL A 53 -28.12 -20.44 2.71
N ALA A 54 -27.38 -19.65 3.49
CA ALA A 54 -26.14 -19.04 3.02
C ALA A 54 -24.95 -19.92 3.36
N VAL A 55 -24.08 -20.12 2.37
CA VAL A 55 -22.97 -21.06 2.43
C VAL A 55 -21.66 -20.35 2.13
N LYS A 56 -20.79 -20.27 3.12
CA LYS A 56 -19.45 -19.70 2.96
C LYS A 56 -18.41 -20.79 2.74
N SER A 57 -17.67 -20.65 1.64
CA SER A 57 -16.67 -21.63 1.20
C SER A 57 -15.38 -20.91 0.85
N LEU A 58 -14.35 -21.70 0.59
CA LEU A 58 -13.10 -21.22 0.07
C LEU A 58 -12.96 -21.63 -1.38
N LYS A 59 -12.25 -20.81 -2.15
CA LYS A 59 -11.87 -21.20 -3.51
C LYS A 59 -10.73 -22.22 -3.44
N PRO A 60 -10.69 -23.18 -4.39
CA PRO A 60 -9.61 -24.18 -4.42
C PRO A 60 -8.20 -23.60 -4.55
N HIS A 66 -5.85 -20.60 4.70
CA HIS A 66 -7.19 -20.02 4.68
C HIS A 66 -8.26 -20.97 5.24
N ILE A 67 -8.05 -22.29 5.09
CA ILE A 67 -8.90 -23.30 5.70
C ILE A 67 -8.94 -23.13 7.21
N ALA A 68 -7.77 -22.95 7.82
CA ALA A 68 -7.65 -22.79 9.26
C ALA A 68 -8.44 -21.58 9.75
N ASP A 69 -8.34 -20.47 9.04
CA ASP A 69 -9.08 -19.25 9.39
C ASP A 69 -10.60 -19.43 9.30
N LEU A 70 -11.05 -20.14 8.28
CA LEU A 70 -12.45 -20.46 8.11
C LEU A 70 -12.97 -21.32 9.27
N LYS A 71 -12.18 -22.31 9.68
CA LYS A 71 -12.53 -23.17 10.81
C LYS A 71 -12.67 -22.36 12.10
N LYS A 72 -11.77 -21.41 12.26
CA LYS A 72 -11.83 -20.47 13.39
C LYS A 72 -13.06 -19.55 13.31
N GLU A 73 -13.32 -19.01 12.14
CA GLU A 73 -14.55 -18.26 11.91
C GLU A 73 -15.81 -19.06 12.29
N ILE A 74 -15.88 -20.32 11.84
CA ILE A 74 -17.00 -21.21 12.15
C ILE A 74 -17.18 -21.39 13.64
N GLU A 75 -16.07 -21.60 14.33
CA GLU A 75 -16.11 -21.84 15.77
C GLU A 75 -16.52 -20.56 16.54
N ILE A 76 -16.14 -19.39 16.04
CA ILE A 76 -16.59 -18.14 16.65
C ILE A 76 -18.12 -17.99 16.49
N LEU A 77 -18.60 -18.09 15.26
CA LEU A 77 -20.00 -17.85 14.95
C LEU A 77 -20.92 -18.88 15.63
N ARG A 78 -20.46 -20.13 15.69
CA ARG A 78 -21.23 -21.24 16.27
C ARG A 78 -21.61 -20.95 17.71
N ASN A 79 -20.76 -20.19 18.40
CA ASN A 79 -20.94 -19.88 19.81
C ASN A 79 -21.33 -18.42 20.11
N LEU A 80 -21.75 -17.68 19.08
CA LEU A 80 -22.38 -16.36 19.25
C LEU A 80 -23.89 -16.53 19.21
N TYR A 81 -24.58 -16.01 20.22
CA TYR A 81 -26.06 -16.01 20.28
C TYR A 81 -26.58 -14.62 20.62
N HIS A 82 -27.09 -13.91 19.62
CA HIS A 82 -27.61 -12.57 19.85
C HIS A 82 -28.57 -12.23 18.72
N GLU A 83 -29.63 -11.50 19.03
CA GLU A 83 -30.63 -11.21 18.00
C GLU A 83 -30.08 -10.34 16.85
N ASN A 84 -28.99 -9.62 17.09
CA ASN A 84 -28.38 -8.85 16.01
C ASN A 84 -27.06 -9.45 15.47
N ILE A 85 -26.95 -10.76 15.57
CA ILE A 85 -25.85 -11.50 14.93
C ILE A 85 -26.47 -12.66 14.13
N VAL A 86 -26.01 -12.83 12.89
CA VAL A 86 -26.55 -13.83 12.00
C VAL A 86 -26.39 -15.25 12.58
N LYS A 87 -27.39 -16.09 12.34
CA LYS A 87 -27.45 -17.42 12.93
C LYS A 87 -26.63 -18.46 12.16
N TYR A 88 -25.72 -19.09 12.90
CA TYR A 88 -25.05 -20.33 12.49
C TYR A 88 -26.10 -21.42 12.36
N LYS A 89 -26.03 -22.21 11.29
CA LYS A 89 -26.90 -23.38 11.13
C LYS A 89 -26.10 -24.69 11.17
N GLY A 90 -24.89 -24.68 10.60
CA GLY A 90 -24.06 -25.86 10.66
C GLY A 90 -22.88 -25.82 9.72
N ILE A 91 -22.40 -27.01 9.37
CA ILE A 91 -21.26 -27.17 8.48
C ILE A 91 -21.52 -28.25 7.46
N CYS A 92 -20.79 -28.17 6.36
CA CYS A 92 -20.69 -29.23 5.38
C CYS A 92 -19.21 -29.57 5.24
N THR A 93 -18.84 -30.84 5.39
CA THR A 93 -17.42 -31.22 5.37
C THR A 93 -17.11 -32.43 4.50
N GLU A 94 -15.86 -32.48 4.03
CA GLU A 94 -15.27 -33.65 3.32
C GLU A 94 -16.22 -34.84 3.12
N GLY A 99 -11.22 -29.74 4.12
CA GLY A 99 -12.29 -28.98 3.47
C GLY A 99 -13.50 -28.80 4.38
N ILE A 100 -14.13 -27.63 4.32
CA ILE A 100 -15.30 -27.34 5.15
C ILE A 100 -16.06 -26.13 4.59
N LYS A 101 -17.40 -26.15 4.73
CA LYS A 101 -18.26 -25.01 4.37
C LYS A 101 -19.06 -24.58 5.59
N LEU A 102 -19.30 -23.27 5.74
CA LEU A 102 -20.07 -22.71 6.86
C LEU A 102 -21.48 -22.46 6.37
N ILE A 103 -22.48 -23.00 7.09
CA ILE A 103 -23.87 -22.85 6.70
C ILE A 103 -24.53 -21.88 7.70
N MET A 104 -25.18 -20.86 7.15
CA MET A 104 -25.82 -19.81 7.93
C MET A 104 -27.23 -19.58 7.45
N GLU A 105 -28.08 -19.03 8.31
CA GLU A 105 -29.39 -18.57 7.87
C GLU A 105 -29.25 -17.59 6.72
N PHE A 106 -30.16 -17.64 5.78
CA PHE A 106 -30.16 -16.74 4.62
C PHE A 106 -31.11 -15.56 4.88
N LEU A 107 -30.59 -14.34 4.75
CA LEU A 107 -31.41 -13.13 4.86
C LEU A 107 -31.66 -12.53 3.47
N PRO A 108 -32.85 -12.78 2.91
CA PRO A 108 -33.13 -12.41 1.51
C PRO A 108 -32.94 -10.94 1.12
N SER A 109 -33.11 -10.01 2.06
CA SER A 109 -32.84 -8.58 1.81
C SER A 109 -31.39 -8.23 1.64
N GLY A 110 -30.48 -9.15 2.03
CA GLY A 110 -29.07 -8.94 1.81
C GLY A 110 -28.46 -7.91 2.75
N SER A 111 -27.36 -7.33 2.33
CA SER A 111 -26.65 -6.39 3.16
C SER A 111 -27.28 -5.00 3.03
N LEU A 112 -26.93 -4.11 3.96
CA LEU A 112 -27.33 -2.71 3.89
C LEU A 112 -26.88 -2.05 2.57
N LYS A 113 -25.75 -2.50 2.02
CA LYS A 113 -25.22 -1.99 0.75
C LYS A 113 -26.19 -2.25 -0.42
N GLU A 114 -26.84 -3.40 -0.40
CA GLU A 114 -27.86 -3.76 -1.39
C GLU A 114 -29.21 -3.14 -1.08
N TYR A 115 -29.58 -3.21 0.20
CA TYR A 115 -30.92 -2.88 0.63
C TYR A 115 -31.21 -1.38 0.69
N LEU A 116 -30.28 -0.60 1.25
CA LEU A 116 -30.57 0.81 1.48
C LEU A 116 -30.80 1.62 0.18
N PRO A 117 -29.98 1.42 -0.86
CA PRO A 117 -30.25 2.17 -2.08
C PRO A 117 -31.63 1.94 -2.68
N LYS A 118 -32.19 0.77 -2.42
CA LYS A 118 -33.47 0.33 -2.96
C LYS A 118 -34.65 0.66 -2.05
N ASN A 119 -34.40 1.10 -0.81
CA ASN A 119 -35.49 1.25 0.16
C ASN A 119 -35.51 2.60 0.89
N LYS A 120 -34.96 3.64 0.26
CA LYS A 120 -34.92 5.00 0.87
C LYS A 120 -36.28 5.50 1.32
N ASN A 121 -37.31 5.26 0.52
CA ASN A 121 -38.66 5.67 0.85
C ASN A 121 -39.24 5.00 2.10
N LYS A 122 -38.75 3.80 2.41
CA LYS A 122 -39.24 2.98 3.50
C LYS A 122 -38.52 3.29 4.82
N ILE A 123 -37.27 3.74 4.71
CA ILE A 123 -36.32 3.82 5.82
C ILE A 123 -35.95 5.28 6.10
N ASN A 124 -36.53 5.84 7.16
CA ASN A 124 -36.29 7.23 7.53
C ASN A 124 -35.27 7.33 8.65
N LEU A 125 -35.00 8.55 9.11
CA LEU A 125 -33.96 8.78 10.13
C LEU A 125 -34.20 7.93 11.37
N LYS A 126 -35.44 7.89 11.84
CA LYS A 126 -35.78 7.10 13.01
C LYS A 126 -35.39 5.62 12.83
N GLN A 127 -35.72 5.05 11.68
CA GLN A 127 -35.34 3.66 11.41
C GLN A 127 -33.82 3.46 11.30
N GLN A 128 -33.12 4.41 10.69
CA GLN A 128 -31.66 4.43 10.64
C GLN A 128 -31.03 4.42 12.03
N LEU A 129 -31.57 5.24 12.93
CA LEU A 129 -31.07 5.27 14.30
C LEU A 129 -31.35 3.95 15.04
N LYS A 130 -32.50 3.34 14.76
CA LYS A 130 -32.82 2.04 15.32
C LYS A 130 -31.85 0.97 14.82
N TYR A 131 -31.52 1.00 13.54
CA TYR A 131 -30.48 0.11 13.00
C TYR A 131 -29.14 0.38 13.70
N ALA A 132 -28.80 1.66 13.88
CA ALA A 132 -27.54 2.02 14.54
C ALA A 132 -27.42 1.42 15.96
N VAL A 133 -28.50 1.51 16.75
CA VAL A 133 -28.57 0.86 18.08
C VAL A 133 -28.38 -0.65 18.03
N GLN A 134 -29.02 -1.31 17.06
CA GLN A 134 -28.90 -2.76 16.91
C GLN A 134 -27.49 -3.17 16.54
N ILE A 135 -26.88 -2.42 15.63
CA ILE A 135 -25.48 -2.67 15.31
C ILE A 135 -24.62 -2.55 16.55
N CYS A 136 -24.84 -1.48 17.32
CA CYS A 136 -24.14 -1.26 18.58
C CYS A 136 -24.36 -2.36 19.62
N LYS A 137 -25.57 -2.92 19.68
CA LYS A 137 -25.86 -4.00 20.63
C LYS A 137 -25.14 -5.28 20.24
N GLY A 138 -25.15 -5.62 18.95
CA GLY A 138 -24.40 -6.77 18.44
C GLY A 138 -22.91 -6.62 18.71
N MET A 139 -22.38 -5.44 18.44
CA MET A 139 -20.96 -5.15 18.66
C MET A 139 -20.56 -5.16 20.12
N ASP A 140 -21.44 -4.65 20.98
CA ASP A 140 -21.14 -4.67 22.41
C ASP A 140 -21.16 -6.12 22.93
N TYR A 141 -22.05 -6.96 22.42
CA TYR A 141 -22.05 -8.38 22.76
C TYR A 141 -20.73 -9.04 22.34
N LEU A 142 -20.28 -8.74 21.12
CA LEU A 142 -19.02 -9.28 20.60
C LEU A 142 -17.82 -8.87 21.47
N GLY A 143 -17.76 -7.58 21.85
CA GLY A 143 -16.74 -7.09 22.78
C GLY A 143 -16.80 -7.74 24.16
N SER A 144 -18.02 -8.04 24.63
CA SER A 144 -18.22 -8.75 25.90
C SER A 144 -17.69 -10.20 25.87
N ARG A 145 -17.56 -10.77 24.67
CA ARG A 145 -17.00 -12.09 24.49
C ARG A 145 -15.50 -12.03 24.18
N GLN A 146 -14.90 -10.84 24.38
CA GLN A 146 -13.49 -10.55 24.10
C GLN A 146 -13.05 -10.69 22.63
N TYR A 147 -13.93 -10.28 21.72
CA TYR A 147 -13.62 -10.29 20.31
C TYR A 147 -13.51 -8.89 19.74
N VAL A 148 -12.61 -8.74 18.77
CA VAL A 148 -12.58 -7.54 17.93
C VAL A 148 -12.94 -7.99 16.53
N HIS A 149 -13.84 -7.23 15.90
CA HIS A 149 -14.43 -7.64 14.65
C HIS A 149 -13.50 -7.37 13.48
N ARG A 150 -12.99 -6.16 13.41
CA ARG A 150 -12.00 -5.73 12.41
C ARG A 150 -12.52 -5.53 10.97
N ASP A 151 -13.81 -5.67 10.76
CA ASP A 151 -14.39 -5.59 9.40
C ASP A 151 -15.81 -5.03 9.42
N LEU A 152 -16.11 -4.14 10.37
CA LEU A 152 -17.45 -3.60 10.47
C LEU A 152 -17.63 -2.57 9.35
N ALA A 153 -18.59 -2.86 8.48
CA ALA A 153 -18.91 -2.02 7.35
C ALA A 153 -20.30 -2.42 6.93
N ALA A 154 -20.98 -1.53 6.21
CA ALA A 154 -22.35 -1.76 5.82
C ALA A 154 -22.54 -3.02 4.98
N ARG A 155 -21.52 -3.41 4.22
CA ARG A 155 -21.58 -4.64 3.43
C ARG A 155 -21.63 -5.91 4.28
N ASN A 156 -21.24 -5.80 5.54
CA ASN A 156 -21.25 -6.93 6.48
C ASN A 156 -22.41 -6.85 7.47
N VAL A 157 -23.32 -5.90 7.25
CA VAL A 157 -24.56 -5.78 8.04
C VAL A 157 -25.72 -6.25 7.20
N LEU A 158 -26.42 -7.27 7.69
CA LEU A 158 -27.54 -7.85 6.98
C LEU A 158 -28.88 -7.32 7.49
N VAL A 159 -29.88 -7.34 6.61
CA VAL A 159 -31.21 -6.84 6.91
C VAL A 159 -32.13 -8.05 7.07
N GLU A 160 -32.61 -8.26 8.30
CA GLU A 160 -33.55 -9.33 8.64
C GLU A 160 -34.96 -8.88 8.23
N SER A 161 -35.24 -7.61 8.43
CA SER A 161 -36.48 -6.99 7.98
C SER A 161 -36.32 -5.48 7.97
N GLU A 162 -37.39 -4.79 7.63
CA GLU A 162 -37.44 -3.33 7.75
C GLU A 162 -37.08 -2.87 9.17
N HIS A 163 -37.33 -3.71 10.16
CA HIS A 163 -37.16 -3.33 11.55
C HIS A 163 -35.93 -3.96 12.25
N GLN A 164 -35.15 -4.77 11.54
CA GLN A 164 -34.05 -5.49 12.21
C GLN A 164 -32.85 -5.78 11.29
N VAL A 165 -31.67 -5.48 11.81
CA VAL A 165 -30.41 -5.82 11.12
C VAL A 165 -29.61 -6.80 11.99
N LYS A 166 -28.69 -7.52 11.35
CA LYS A 166 -27.77 -8.41 12.06
C LYS A 166 -26.33 -8.28 11.49
N ILE A 167 -25.32 -8.40 12.34
CA ILE A 167 -23.92 -8.47 11.86
C ILE A 167 -23.79 -9.82 11.15
N GLY A 168 -23.30 -9.81 9.91
CA GLY A 168 -23.44 -10.97 9.00
C GLY A 168 -22.16 -11.63 8.47
N ASP A 169 -21.01 -11.26 9.05
CA ASP A 169 -19.72 -11.82 8.62
C ASP A 169 -18.74 -11.65 9.75
N PHE A 170 -17.91 -12.67 9.96
CA PHE A 170 -16.95 -12.67 11.06
C PHE A 170 -15.60 -13.18 10.60
N GLY A 171 -15.32 -13.02 9.31
CA GLY A 171 -14.11 -13.53 8.67
C GLY A 171 -12.76 -12.99 9.13
N LEU A 172 -12.75 -11.80 9.74
CA LEU A 172 -11.54 -11.20 10.30
C LEU A 172 -11.54 -11.12 11.83
N THR A 173 -12.56 -11.67 12.48
CA THR A 173 -12.72 -11.50 13.92
C THR A 173 -11.61 -12.23 14.71
N LYS A 174 -11.07 -11.55 15.72
CA LYS A 174 -9.97 -12.07 16.51
C LYS A 174 -10.31 -11.96 17.98
N ALA A 175 -9.77 -12.88 18.78
CA ALA A 175 -9.93 -12.81 20.23
C ALA A 175 -8.82 -11.90 20.79
N ILE A 176 -9.20 -10.94 21.62
CA ILE A 176 -8.23 -10.18 22.39
C ILE A 176 -7.89 -11.02 23.63
N GLU A 177 -6.61 -11.25 23.85
CA GLU A 177 -6.15 -12.05 24.99
C GLU A 177 -6.63 -11.45 26.33
N THR A 178 -6.97 -12.29 27.29
CA THR A 178 -7.37 -11.83 28.61
C THR A 178 -6.24 -10.99 29.21
N ASP A 179 -6.60 -9.91 29.90
CA ASP A 179 -5.64 -8.97 30.50
C ASP A 179 -4.88 -8.12 29.48
N LYS A 180 -5.29 -8.16 28.21
CA LYS A 180 -4.66 -7.35 27.14
C LYS A 180 -5.73 -6.45 26.53
N GLU A 181 -5.30 -5.33 25.95
CA GLU A 181 -6.22 -4.33 25.37
C GLU A 181 -6.45 -4.50 23.87
N THR A 184 -2.73 -7.81 17.75
CA THR A 184 -1.84 -7.36 16.69
C THR A 184 -1.93 -8.27 15.47
N VAL A 185 -2.22 -7.71 14.30
CA VAL A 185 -2.37 -8.52 13.07
C VAL A 185 -1.12 -8.49 12.19
N LYS A 186 -0.87 -9.61 11.50
CA LYS A 186 0.25 -9.77 10.57
C LYS A 186 -0.24 -9.74 9.12
N ASP A 187 -1.25 -10.55 8.82
CA ASP A 187 -1.86 -10.61 7.49
C ASP A 187 -2.78 -9.39 7.31
N ASP A 188 -2.30 -8.41 6.54
CA ASP A 188 -2.97 -7.10 6.40
C ASP A 188 -3.11 -6.58 4.94
N ARG A 189 -2.76 -7.41 3.95
CA ARG A 189 -2.82 -7.05 2.52
C ARG A 189 -4.15 -6.41 2.16
N ASP A 190 -5.23 -7.18 2.36
CA ASP A 190 -6.56 -6.80 1.93
C ASP A 190 -7.36 -6.16 3.07
N SER A 191 -6.75 -5.20 3.77
CA SER A 191 -7.40 -4.47 4.85
C SER A 191 -8.39 -3.43 4.30
N PRO A 192 -9.58 -3.27 4.95
CA PRO A 192 -10.51 -2.20 4.56
C PRO A 192 -10.05 -0.86 5.18
N VAL A 193 -8.98 -0.29 4.63
CA VAL A 193 -8.28 0.83 5.26
C VAL A 193 -9.14 2.09 5.48
N PHE A 194 -10.11 2.33 4.61
CA PHE A 194 -10.98 3.50 4.75
C PHE A 194 -12.02 3.32 5.87
N TRP A 195 -12.03 2.13 6.50
CA TRP A 195 -12.81 1.90 7.72
C TRP A 195 -11.95 1.83 8.99
N TYR A 196 -10.63 1.93 8.87
CA TYR A 196 -9.70 1.62 9.98
C TYR A 196 -9.25 2.84 10.78
N ALA A 197 -9.19 2.65 12.10
CA ALA A 197 -8.69 3.66 13.02
C ALA A 197 -7.18 3.83 12.82
N PRO A 198 -6.63 4.99 13.19
CA PRO A 198 -5.20 5.24 13.05
C PRO A 198 -4.27 4.18 13.65
N GLU A 199 -4.60 3.66 14.82
CA GLU A 199 -3.78 2.62 15.47
C GLU A 199 -3.75 1.32 14.67
N CYS A 200 -4.83 1.04 13.95
CA CYS A 200 -4.88 -0.09 13.02
C CYS A 200 -3.95 0.17 11.83
N LEU A 201 -4.07 1.35 11.26
CA LEU A 201 -3.30 1.73 10.10
C LEU A 201 -1.80 1.83 10.41
N MET A 202 -1.47 2.51 11.51
CA MET A 202 -0.10 2.84 11.84
C MET A 202 0.65 1.69 12.51
N GLN A 203 -0.06 0.83 13.24
CA GLN A 203 0.60 -0.23 14.02
C GLN A 203 -0.04 -1.62 13.96
N SER A 204 -1.13 -1.78 13.21
CA SER A 204 -1.83 -3.06 13.14
C SER A 204 -2.26 -3.55 14.54
N LYS A 205 -2.59 -2.60 15.41
CA LYS A 205 -3.17 -2.89 16.71
C LYS A 205 -4.68 -2.67 16.66
N PHE A 206 -5.44 -3.65 17.14
CA PHE A 206 -6.90 -3.64 17.09
C PHE A 206 -7.49 -3.74 18.48
N TYR A 207 -8.08 -2.62 18.91
CA TYR A 207 -8.80 -2.51 20.17
C TYR A 207 -10.30 -2.60 19.93
N ILE A 208 -11.07 -2.77 21.00
CA ILE A 208 -12.52 -2.59 20.94
C ILE A 208 -12.83 -1.17 20.44
N ALA A 209 -12.05 -0.19 20.90
CA ALA A 209 -12.16 1.19 20.41
C ALA A 209 -11.98 1.31 18.90
N SER A 210 -11.18 0.43 18.30
CA SER A 210 -10.99 0.42 16.86
C SER A 210 -12.27 0.00 16.10
N ASP A 211 -13.04 -0.89 16.70
CA ASP A 211 -14.37 -1.27 16.18
C ASP A 211 -15.37 -0.10 16.31
N VAL A 212 -15.23 0.72 17.36
CA VAL A 212 -16.07 1.91 17.52
C VAL A 212 -15.81 2.87 16.37
N TRP A 213 -14.53 3.05 16.05
CA TRP A 213 -14.13 3.88 14.91
C TRP A 213 -14.78 3.38 13.63
N SER A 214 -14.68 2.06 13.38
CA SER A 214 -15.29 1.45 12.20
C SER A 214 -16.82 1.59 12.19
N PHE A 215 -17.41 1.54 13.37
CA PHE A 215 -18.85 1.76 13.49
C PHE A 215 -19.26 3.17 13.02
N GLY A 216 -18.47 4.16 13.40
CA GLY A 216 -18.72 5.54 12.99
C GLY A 216 -18.76 5.67 11.49
N VAL A 217 -17.84 4.97 10.80
CA VAL A 217 -17.81 4.96 9.34
C VAL A 217 -19.00 4.20 8.78
N THR A 218 -19.37 3.09 9.43
CA THR A 218 -20.55 2.33 9.02
C THR A 218 -21.82 3.18 9.22
N LEU A 219 -21.87 3.97 10.29
CA LEU A 219 -22.99 4.90 10.54
C LEU A 219 -23.08 5.94 9.42
N HIS A 220 -21.93 6.46 9.00
CA HIS A 220 -21.89 7.38 7.86
C HIS A 220 -22.49 6.74 6.60
N GLU A 221 -22.18 5.48 6.36
CA GLU A 221 -22.73 4.73 5.22
C GLU A 221 -24.25 4.58 5.29
N LEU A 222 -24.72 4.19 6.46
CA LEU A 222 -26.15 4.00 6.71
C LEU A 222 -26.89 5.29 6.42
N LEU A 223 -26.32 6.41 6.89
CA LEU A 223 -26.93 7.73 6.76
C LEU A 223 -26.90 8.27 5.32
N THR A 224 -25.99 7.77 4.50
CA THR A 224 -25.95 8.10 3.08
C THR A 224 -26.68 7.05 2.21
N TYR A 225 -27.36 6.12 2.87
CA TYR A 225 -28.04 4.99 2.20
C TYR A 225 -27.08 4.21 1.29
N CYS A 226 -25.83 4.09 1.74
CA CYS A 226 -24.81 3.34 1.00
C CYS A 226 -24.68 3.78 -0.47
N ASP A 227 -24.83 5.07 -0.73
CA ASP A 227 -24.62 5.56 -2.10
C ASP A 227 -23.14 5.47 -2.45
N SER A 228 -22.82 4.91 -3.61
CA SER A 228 -21.43 4.66 -3.98
C SER A 228 -20.63 5.96 -4.14
N ASP A 229 -21.28 7.00 -4.65
CA ASP A 229 -20.60 8.28 -4.82
C ASP A 229 -20.27 8.99 -3.49
N SER A 230 -20.91 8.55 -2.40
CA SER A 230 -20.65 9.08 -1.06
C SER A 230 -19.95 8.07 -0.13
N SER A 231 -19.46 6.97 -0.70
CA SER A 231 -18.82 5.93 0.11
C SER A 231 -17.59 6.48 0.82
N PRO A 232 -17.19 5.84 1.94
CA PRO A 232 -15.97 6.23 2.64
C PRO A 232 -14.75 6.25 1.73
N MET A 233 -14.64 5.28 0.82
CA MET A 233 -13.52 5.25 -0.12
C MET A 233 -13.55 6.46 -1.06
N ALA A 234 -14.70 6.71 -1.67
CA ALA A 234 -14.88 7.84 -2.59
C ALA A 234 -14.56 9.17 -1.92
N LEU A 235 -15.11 9.40 -0.74
CA LEU A 235 -14.91 10.65 -0.01
C LEU A 235 -13.47 10.86 0.46
N PHE A 236 -12.85 9.82 1.02
CA PHE A 236 -11.45 9.92 1.41
C PHE A 236 -10.51 10.16 0.22
N LEU A 237 -10.73 9.46 -0.88
CA LEU A 237 -9.89 9.60 -2.06
C LEU A 237 -10.00 11.02 -2.63
N LYS A 238 -11.17 11.64 -2.49
CA LYS A 238 -11.31 13.07 -2.82
C LYS A 238 -10.45 13.92 -1.89
N MET A 239 -10.53 13.63 -0.59
CA MET A 239 -9.79 14.38 0.43
C MET A 239 -8.27 14.26 0.28
N ILE A 240 -7.79 13.11 -0.18
CA ILE A 240 -6.34 12.85 -0.22
C ILE A 240 -5.71 12.78 -1.62
N GLY A 241 -6.50 12.50 -2.65
CA GLY A 241 -6.02 12.22 -4.01
C GLY A 241 -6.28 10.76 -4.40
N PRO A 242 -6.89 10.51 -5.58
CA PRO A 242 -7.18 9.13 -6.02
C PRO A 242 -6.09 8.37 -6.81
N THR A 243 -4.91 8.97 -7.02
CA THR A 243 -3.86 8.32 -7.82
C THR A 243 -2.48 8.32 -7.14
N HIS A 244 -2.46 7.88 -5.88
CA HIS A 244 -1.22 7.83 -5.11
C HIS A 244 -0.70 6.41 -4.90
N GLY A 245 -1.45 5.41 -5.37
CA GLY A 245 -1.02 4.01 -5.35
C GLY A 245 -0.69 3.49 -3.97
N GLN A 246 0.61 3.21 -3.74
CA GLN A 246 1.07 2.67 -2.46
C GLN A 246 1.35 3.74 -1.40
N MET A 247 1.20 5.00 -1.76
CA MET A 247 1.26 6.10 -0.77
C MET A 247 -0.11 6.44 -0.18
N THR A 248 -1.14 5.71 -0.59
CA THR A 248 -2.50 6.00 -0.16
C THR A 248 -2.64 5.97 1.36
N VAL A 249 -2.20 4.88 2.00
CA VAL A 249 -2.36 4.76 3.46
C VAL A 249 -1.64 5.84 4.26
N THR A 250 -0.40 6.16 3.88
CA THR A 250 0.34 7.23 4.55
C THR A 250 -0.37 8.57 4.45
N ARG A 251 -0.94 8.85 3.27
CA ARG A 251 -1.69 10.08 3.04
C ARG A 251 -3.03 10.06 3.77
N LEU A 252 -3.64 8.89 3.85
CA LEU A 252 -4.82 8.72 4.71
C LEU A 252 -4.45 9.03 6.16
N VAL A 253 -3.36 8.45 6.65
CA VAL A 253 -2.91 8.65 8.03
C VAL A 253 -2.64 10.13 8.33
N ASN A 254 -1.96 10.80 7.42
CA ASN A 254 -1.67 12.23 7.56
C ASN A 254 -2.92 13.09 7.65
N THR A 255 -3.88 12.82 6.76
CA THR A 255 -5.17 13.51 6.77
C THR A 255 -5.87 13.37 8.11
N LEU A 256 -5.87 12.15 8.66
CA LEU A 256 -6.47 11.88 9.97
C LEU A 256 -5.69 12.55 11.10
N LYS A 257 -4.36 12.53 11.00
CA LYS A 257 -3.51 13.26 11.94
C LYS A 257 -3.82 14.76 11.95
N GLU A 258 -4.17 15.31 10.78
CA GLU A 258 -4.54 16.73 10.65
C GLU A 258 -5.94 17.04 11.17
N GLY A 259 -6.65 16.04 11.69
CA GLY A 259 -7.97 16.25 12.27
C GLY A 259 -9.10 16.23 11.26
N LYS A 260 -8.79 15.94 9.99
CA LYS A 260 -9.81 15.85 8.95
C LYS A 260 -10.60 14.54 9.06
N ARG A 261 -11.91 14.65 8.89
CA ARG A 261 -12.79 13.49 9.03
C ARG A 261 -13.83 13.53 7.94
N LEU A 262 -14.54 12.42 7.75
CA LEU A 262 -15.64 12.38 6.80
C LEU A 262 -16.67 13.47 7.15
N PRO A 263 -17.25 14.12 6.12
CA PRO A 263 -18.21 15.20 6.37
C PRO A 263 -19.59 14.69 6.82
N CYS A 264 -20.37 15.59 7.40
CA CYS A 264 -21.75 15.28 7.80
C CYS A 264 -22.59 14.87 6.60
N PRO A 265 -23.25 13.69 6.67
CA PRO A 265 -24.08 13.32 5.52
C PRO A 265 -25.20 14.32 5.27
N PRO A 266 -25.67 14.42 4.01
CA PRO A 266 -26.81 15.27 3.75
C PRO A 266 -28.03 14.87 4.58
N ASN A 267 -28.71 15.85 5.14
CA ASN A 267 -29.92 15.65 5.94
C ASN A 267 -29.68 14.99 7.29
N CYS A 268 -28.42 14.88 7.70
CA CYS A 268 -28.09 14.30 9.00
C CYS A 268 -28.03 15.41 10.03
N PRO A 269 -28.85 15.33 11.07
CA PRO A 269 -28.81 16.36 12.11
C PRO A 269 -27.43 16.45 12.78
N ASP A 270 -27.04 17.63 13.23
CA ASP A 270 -25.73 17.80 13.86
C ASP A 270 -25.60 16.93 15.11
N GLU A 271 -26.69 16.71 15.82
CA GLU A 271 -26.64 15.90 17.04
C GLU A 271 -26.29 14.44 16.73
N VAL A 272 -26.69 13.95 15.56
CA VAL A 272 -26.28 12.61 15.10
C VAL A 272 -24.81 12.62 14.62
N TYR A 273 -24.44 13.66 13.89
CA TYR A 273 -23.06 13.82 13.41
C TYR A 273 -22.08 13.90 14.58
N GLN A 274 -22.48 14.52 15.68
CA GLN A 274 -21.60 14.63 16.86
C GLN A 274 -21.34 13.29 17.57
N LEU A 275 -22.35 12.41 17.61
CA LEU A 275 -22.14 11.03 18.09
C LEU A 275 -21.13 10.32 17.19
N MET A 276 -21.27 10.53 15.87
CA MET A 276 -20.34 9.99 14.88
C MET A 276 -18.91 10.48 15.10
N ARG A 277 -18.73 11.80 15.29
CA ARG A 277 -17.40 12.35 15.58
C ARG A 277 -16.75 11.76 16.84
N LYS A 278 -17.55 11.43 17.85
CA LYS A 278 -17.02 10.81 19.08
C LYS A 278 -16.44 9.41 18.84
N CYS A 279 -16.82 8.78 17.71
CA CYS A 279 -16.22 7.51 17.29
C CYS A 279 -14.85 7.71 16.68
N TRP A 280 -14.54 8.95 16.33
CA TRP A 280 -13.37 9.22 15.52
C TRP A 280 -12.35 10.09 16.22
N GLU A 281 -12.32 10.06 17.55
CA GLU A 281 -11.21 10.65 18.30
C GLU A 281 -9.93 9.95 17.87
N PHE A 282 -8.86 10.70 17.68
CA PHE A 282 -7.62 10.10 17.20
C PHE A 282 -7.10 9.02 18.15
N GLN A 283 -7.14 9.30 19.46
CA GLN A 283 -6.72 8.32 20.46
C GLN A 283 -7.86 7.39 20.86
N PRO A 284 -7.65 6.06 20.80
CA PRO A 284 -8.63 5.06 21.21
C PRO A 284 -9.31 5.34 22.56
N SER A 285 -8.52 5.78 23.55
CA SER A 285 -9.03 5.99 24.91
C SER A 285 -10.00 7.17 25.00
N ASN A 286 -9.92 8.09 24.05
CA ASN A 286 -10.83 9.25 23.98
C ASN A 286 -12.17 8.98 23.28
N ARG A 287 -12.32 7.80 22.68
CA ARG A 287 -13.52 7.49 21.92
C ARG A 287 -14.68 7.09 22.79
N THR A 288 -15.88 7.28 22.24
CA THR A 288 -17.08 6.80 22.89
C THR A 288 -17.06 5.27 22.94
N SER A 289 -17.93 4.72 23.77
CA SER A 289 -18.14 3.28 23.87
C SER A 289 -19.42 2.91 23.13
N PHE A 290 -19.60 1.62 22.86
CA PHE A 290 -20.85 1.17 22.26
C PHE A 290 -22.04 1.41 23.18
N GLN A 291 -21.88 1.21 24.48
CA GLN A 291 -22.95 1.52 25.44
C GLN A 291 -23.37 2.98 25.44
N ASN A 292 -22.40 3.89 25.39
CA ASN A 292 -22.67 5.32 25.33
C ASN A 292 -23.34 5.74 24.02
N LEU A 293 -22.90 5.13 22.90
CA LEU A 293 -23.60 5.31 21.62
C LEU A 293 -25.07 4.93 21.71
N ILE A 294 -25.35 3.74 22.27
CA ILE A 294 -26.70 3.25 22.47
C ILE A 294 -27.53 4.25 23.26
N GLU A 295 -27.01 4.66 24.41
CA GLU A 295 -27.67 5.67 25.22
C GLU A 295 -27.97 6.94 24.42
N GLY A 296 -26.98 7.42 23.66
CA GLY A 296 -27.11 8.62 22.85
C GLY A 296 -28.18 8.52 21.77
N PHE A 297 -28.18 7.42 21.02
CA PHE A 297 -29.21 7.20 20.00
C PHE A 297 -30.59 7.07 20.64
N GLU A 298 -30.66 6.35 21.75
CA GLU A 298 -31.91 6.20 22.47
C GLU A 298 -32.48 7.54 22.94
N ALA A 299 -31.61 8.46 23.39
CA ALA A 299 -32.04 9.80 23.77
C ALA A 299 -32.62 10.54 22.56
N LEU A 300 -32.02 10.35 21.38
CA LEU A 300 -32.53 10.99 20.17
C LEU A 300 -33.84 10.37 19.68
N LEU A 301 -34.03 9.09 19.95
CA LEU A 301 -35.25 8.38 19.55
C LEU A 301 -36.47 8.70 20.41
N LYS A 302 -36.26 9.09 21.67
CA LYS A 302 -37.35 9.52 22.56
C LYS A 302 -37.12 10.95 22.99
N VAL B 13 23.95 25.38 -39.24
CA VAL B 13 23.61 24.13 -38.50
C VAL B 13 23.67 24.34 -36.98
N ASP B 14 22.73 23.71 -36.28
CA ASP B 14 22.75 23.67 -34.83
C ASP B 14 23.18 22.25 -34.43
N PRO B 15 24.34 22.11 -33.76
CA PRO B 15 24.81 20.76 -33.44
C PRO B 15 24.00 20.07 -32.33
N THR B 16 23.07 20.80 -31.70
CA THR B 16 22.22 20.22 -30.68
C THR B 16 20.87 19.83 -31.26
N HIS B 17 20.70 20.00 -32.57
CA HIS B 17 19.46 19.66 -33.24
C HIS B 17 19.68 18.39 -34.03
N PHE B 18 18.99 17.33 -33.61
CA PHE B 18 19.11 16.02 -34.20
C PHE B 18 17.85 15.77 -35.04
N GLU B 19 18.04 15.50 -36.32
CA GLU B 19 16.91 15.26 -37.20
C GLU B 19 16.37 13.84 -37.04
N LYS B 20 15.05 13.75 -36.93
CA LYS B 20 14.37 12.48 -36.79
C LYS B 20 14.80 11.49 -37.88
N ARG B 21 14.87 11.97 -39.12
CA ARG B 21 15.13 11.10 -40.27
C ARG B 21 16.47 10.38 -40.19
N PHE B 22 17.44 10.95 -39.46
CA PHE B 22 18.76 10.34 -39.32
C PHE B 22 19.01 9.65 -37.97
N LEU B 23 18.04 9.71 -37.08
CA LEU B 23 18.20 9.14 -35.73
C LEU B 23 17.60 7.72 -35.69
N LYS B 24 18.48 6.73 -35.71
CA LYS B 24 18.10 5.34 -35.95
C LYS B 24 18.23 4.49 -34.71
N ARG B 25 17.11 3.94 -34.25
CA ARG B 25 17.08 3.09 -33.07
C ARG B 25 17.86 1.80 -33.26
N ILE B 26 18.63 1.45 -32.24
CA ILE B 26 19.39 0.19 -32.23
C ILE B 26 18.77 -0.78 -31.23
N ARG B 27 18.70 -0.38 -29.97
CA ARG B 27 18.16 -1.23 -28.91
C ARG B 27 17.78 -0.43 -27.65
N ASP B 28 17.03 -1.06 -26.76
CA ASP B 28 16.57 -0.42 -25.53
C ASP B 28 17.69 -0.42 -24.48
N LEU B 29 17.76 0.68 -23.73
CA LEU B 29 18.69 0.84 -22.61
C LEU B 29 17.96 0.87 -21.26
N GLY B 30 16.74 1.36 -21.25
CA GLY B 30 15.91 1.31 -20.07
C GLY B 30 14.49 1.65 -20.41
N GLU B 31 13.56 1.26 -19.54
CA GLU B 31 12.19 1.68 -19.74
C GLU B 31 11.40 1.68 -18.44
N GLY B 32 10.38 2.52 -18.42
CA GLY B 32 9.46 2.60 -17.30
C GLY B 32 8.05 2.62 -17.86
N HIS B 33 7.09 2.98 -17.03
CA HIS B 33 5.70 2.99 -17.45
C HIS B 33 5.44 4.05 -18.49
N PHE B 34 6.16 5.17 -18.42
CA PHE B 34 5.84 6.33 -19.27
C PHE B 34 6.90 6.66 -20.30
N GLY B 35 8.11 6.13 -20.12
CA GLY B 35 9.24 6.50 -20.96
C GLY B 35 10.17 5.37 -21.30
N LYS B 36 11.09 5.67 -22.22
CA LYS B 36 12.13 4.75 -22.64
C LYS B 36 13.42 5.51 -22.85
N VAL B 37 14.54 4.84 -22.62
CA VAL B 37 15.84 5.32 -23.07
C VAL B 37 16.32 4.27 -24.08
N GLU B 38 16.70 4.72 -25.27
CA GLU B 38 17.13 3.83 -26.33
C GLU B 38 18.51 4.21 -26.85
N LEU B 39 19.30 3.19 -27.19
CA LEU B 39 20.51 3.36 -27.97
C LEU B 39 20.15 3.59 -29.44
N CYS B 40 20.66 4.70 -29.98
CA CYS B 40 20.42 5.06 -31.39
C CYS B 40 21.73 5.45 -32.06
N ARG B 41 21.81 5.28 -33.38
CA ARG B 41 22.91 5.87 -34.15
C ARG B 41 22.38 7.09 -34.90
N TYR B 42 23.06 8.22 -34.75
CA TYR B 42 22.73 9.39 -35.56
C TYR B 42 23.60 9.37 -36.80
N ASP B 43 23.01 9.07 -37.94
CA ASP B 43 23.78 8.70 -39.14
C ASP B 43 23.39 9.51 -40.37
N PRO B 44 23.65 10.83 -40.35
CA PRO B 44 23.29 11.67 -41.48
C PRO B 44 23.94 11.24 -42.82
N GLU B 45 25.10 10.59 -42.78
CA GLU B 45 25.75 10.12 -44.01
C GLU B 45 25.15 8.83 -44.55
N GLY B 46 24.54 8.04 -43.67
CA GLY B 46 23.81 6.83 -44.08
C GLY B 46 24.65 5.58 -44.26
N ASP B 47 25.83 5.53 -43.67
CA ASP B 47 26.75 4.40 -43.86
C ASP B 47 27.17 3.71 -42.55
N ASN B 48 26.39 3.93 -41.50
CA ASN B 48 26.67 3.42 -40.14
C ASN B 48 28.01 3.81 -39.55
N THR B 49 28.49 4.99 -39.93
CA THR B 49 29.69 5.55 -39.30
C THR B 49 29.32 6.64 -38.28
N GLY B 50 28.05 7.03 -38.23
CA GLY B 50 27.60 8.09 -37.33
C GLY B 50 27.75 7.74 -35.86
N GLU B 51 27.69 8.74 -35.00
CA GLU B 51 27.86 8.54 -33.54
C GLU B 51 26.64 7.86 -32.89
N GLN B 52 26.92 7.02 -31.90
CA GLN B 52 25.90 6.41 -31.06
C GLN B 52 25.56 7.39 -29.94
N VAL B 53 24.26 7.49 -29.65
CA VAL B 53 23.74 8.40 -28.63
C VAL B 53 22.63 7.67 -27.85
N ALA B 54 22.39 8.11 -26.63
CA ALA B 54 21.27 7.63 -25.84
C ALA B 54 20.13 8.63 -25.96
N VAL B 55 18.92 8.11 -26.18
CA VAL B 55 17.78 8.91 -26.51
C VAL B 55 16.65 8.61 -25.54
N LYS B 56 16.22 9.63 -24.81
CA LYS B 56 15.09 9.49 -23.90
C LYS B 56 13.84 10.06 -24.54
N SER B 57 12.78 9.25 -24.55
CA SER B 57 11.53 9.65 -25.16
C SER B 57 10.37 9.23 -24.27
N LEU B 58 9.18 9.70 -24.64
CA LEU B 58 7.96 9.32 -23.98
C LEU B 58 7.26 8.24 -24.79
N LYS B 59 6.57 7.33 -24.10
CA LYS B 59 5.72 6.36 -24.77
C LYS B 59 4.39 7.04 -25.14
N PRO B 60 3.71 6.58 -26.20
CA PRO B 60 2.37 7.09 -26.50
C PRO B 60 1.29 6.36 -25.71
N ASN B 65 -0.39 12.91 -19.71
CA ASN B 65 0.74 13.28 -20.57
C ASN B 65 1.88 13.89 -19.76
N HIS B 66 3.10 13.47 -20.08
CA HIS B 66 4.31 13.81 -19.32
C HIS B 66 5.31 14.61 -20.17
N ILE B 67 4.80 15.26 -21.20
CA ILE B 67 5.63 16.02 -22.14
C ILE B 67 6.32 17.17 -21.38
N ALA B 68 5.56 17.86 -20.53
CA ALA B 68 6.10 19.00 -19.78
C ALA B 68 7.24 18.58 -18.85
N ASP B 69 7.12 17.38 -18.28
CA ASP B 69 8.14 16.84 -17.39
C ASP B 69 9.43 16.55 -18.13
N LEU B 70 9.32 15.96 -19.31
CA LEU B 70 10.48 15.72 -20.17
C LEU B 70 11.16 17.04 -20.55
N LYS B 71 10.37 18.06 -20.91
CA LYS B 71 10.94 19.34 -21.34
C LYS B 71 11.71 20.02 -20.20
N LYS B 72 11.19 19.88 -18.98
CA LYS B 72 11.86 20.37 -17.79
C LYS B 72 13.16 19.60 -17.50
N GLU B 73 13.11 18.28 -17.64
CA GLU B 73 14.31 17.46 -17.49
C GLU B 73 15.41 17.89 -18.49
N ILE B 74 15.00 18.15 -19.73
CA ILE B 74 15.93 18.61 -20.76
C ILE B 74 16.59 19.92 -20.37
N GLU B 75 15.79 20.87 -19.89
CA GLU B 75 16.33 22.18 -19.55
C GLU B 75 17.25 22.09 -18.35
N ILE B 76 16.95 21.19 -17.42
CA ILE B 76 17.84 20.96 -16.28
C ILE B 76 19.17 20.41 -16.79
N LEU B 77 19.11 19.30 -17.52
CA LEU B 77 20.32 18.62 -17.95
C LEU B 77 21.17 19.49 -18.87
N ARG B 78 20.55 20.23 -19.77
CA ARG B 78 21.23 21.08 -20.74
C ARG B 78 22.20 22.08 -20.06
N ASN B 79 21.84 22.51 -18.86
CA ASN B 79 22.58 23.53 -18.13
C ASN B 79 23.39 22.99 -16.94
N LEU B 80 23.58 21.68 -16.90
CA LEU B 80 24.47 21.07 -15.90
C LEU B 80 25.78 20.75 -16.60
N TYR B 81 26.89 21.12 -15.95
CA TYR B 81 28.22 20.90 -16.50
C TYR B 81 29.13 20.40 -15.41
N HIS B 82 29.41 19.10 -15.42
CA HIS B 82 30.21 18.46 -14.38
C HIS B 82 30.71 17.12 -14.88
N GLU B 83 31.95 16.83 -14.54
CA GLU B 83 32.65 15.57 -14.83
C GLU B 83 31.84 14.30 -14.54
N ASN B 84 31.08 14.33 -13.45
CA ASN B 84 30.27 13.18 -12.99
C ASN B 84 28.77 13.33 -13.22
N ILE B 85 28.42 14.07 -14.28
CA ILE B 85 27.04 14.19 -14.75
C ILE B 85 27.04 13.92 -16.26
N VAL B 86 26.15 13.04 -16.70
CA VAL B 86 26.09 12.63 -18.11
C VAL B 86 25.88 13.86 -19.00
N LYS B 87 26.58 13.88 -20.13
CA LYS B 87 26.50 15.02 -21.05
C LYS B 87 25.24 15.04 -21.92
N TYR B 88 24.55 16.16 -21.86
CA TYR B 88 23.55 16.57 -22.83
C TYR B 88 24.19 16.74 -24.22
N LYS B 89 23.54 16.23 -25.26
CA LYS B 89 23.96 16.41 -26.64
C LYS B 89 22.98 17.26 -27.43
N GLY B 90 21.69 17.07 -27.22
CA GLY B 90 20.71 17.87 -27.91
C GLY B 90 19.31 17.35 -27.77
N ILE B 91 18.46 17.77 -28.71
CA ILE B 91 17.06 17.34 -28.74
C ILE B 91 16.67 16.94 -30.15
N CYS B 92 15.61 16.14 -30.24
CA CYS B 92 14.93 15.85 -31.50
C CYS B 92 13.48 16.26 -31.30
N THR B 93 12.96 17.09 -32.21
CA THR B 93 11.60 17.63 -32.06
C THR B 93 10.70 17.24 -33.23
N ASN B 98 5.07 19.10 -31.52
CA ASN B 98 4.71 19.01 -30.09
C ASN B 98 5.63 18.10 -29.29
N GLY B 99 5.89 16.90 -29.81
CA GLY B 99 6.71 15.90 -29.13
C GLY B 99 8.20 16.24 -29.15
N ILE B 100 8.96 15.58 -28.27
CA ILE B 100 10.37 15.92 -28.07
C ILE B 100 11.14 14.74 -27.49
N LYS B 101 12.41 14.63 -27.89
CA LYS B 101 13.33 13.60 -27.38
C LYS B 101 14.60 14.25 -26.85
N LEU B 102 15.10 13.70 -25.76
CA LEU B 102 16.38 14.12 -25.16
C LEU B 102 17.56 13.25 -25.67
N ILE B 103 18.58 13.90 -26.20
CA ILE B 103 19.76 13.22 -26.75
C ILE B 103 20.92 13.43 -25.81
N MET B 104 21.53 12.32 -25.39
CA MET B 104 22.66 12.35 -24.47
C MET B 104 23.79 11.49 -24.98
N GLU B 105 24.99 11.70 -24.44
CA GLU B 105 26.11 10.83 -24.71
C GLU B 105 25.75 9.40 -24.28
N PHE B 106 26.21 8.43 -25.06
CA PHE B 106 26.06 7.02 -24.76
C PHE B 106 27.28 6.47 -24.03
N LEU B 107 27.01 5.83 -22.90
CA LEU B 107 28.03 5.17 -22.10
C LEU B 107 27.83 3.64 -22.21
N PRO B 108 28.64 2.99 -23.07
CA PRO B 108 28.48 1.56 -23.38
C PRO B 108 28.49 0.62 -22.19
N SER B 109 29.20 0.97 -21.12
CA SER B 109 29.21 0.11 -19.94
C SER B 109 27.91 0.10 -19.16
N GLY B 110 27.01 1.04 -19.43
CA GLY B 110 25.69 1.07 -18.83
C GLY B 110 25.69 1.51 -17.39
N SER B 111 24.67 1.13 -16.65
CA SER B 111 24.56 1.53 -15.26
C SER B 111 25.40 0.62 -14.38
N LEU B 112 25.63 1.09 -13.15
CA LEU B 112 26.26 0.26 -12.15
C LEU B 112 25.49 -1.05 -11.92
N LYS B 113 24.17 -1.01 -12.10
CA LYS B 113 23.36 -2.22 -11.94
C LYS B 113 23.76 -3.28 -12.94
N GLU B 114 24.05 -2.87 -14.18
CA GLU B 114 24.51 -3.79 -15.23
C GLU B 114 25.99 -4.15 -15.06
N TYR B 115 26.79 -3.14 -14.77
CA TYR B 115 28.24 -3.25 -14.80
C TYR B 115 28.87 -3.97 -13.59
N LEU B 116 28.41 -3.66 -12.38
CA LEU B 116 29.08 -4.21 -11.18
C LEU B 116 29.05 -5.74 -11.10
N PRO B 117 27.90 -6.36 -11.39
CA PRO B 117 27.89 -7.83 -11.31
C PRO B 117 28.88 -8.51 -12.26
N LYS B 118 29.14 -7.88 -13.40
CA LYS B 118 30.01 -8.41 -14.45
C LYS B 118 31.49 -8.09 -14.23
N ASN B 119 31.81 -7.25 -13.24
CA ASN B 119 33.16 -6.69 -13.11
C ASN B 119 33.75 -6.71 -11.69
N LYS B 120 33.24 -7.60 -10.85
CA LYS B 120 33.71 -7.73 -9.45
C LYS B 120 35.22 -7.84 -9.28
N ASN B 121 35.86 -8.60 -10.15
CA ASN B 121 37.30 -8.79 -10.11
C ASN B 121 38.06 -7.50 -10.35
N LYS B 122 37.53 -6.69 -11.27
CA LYS B 122 38.15 -5.43 -11.68
C LYS B 122 37.95 -4.31 -10.66
N ILE B 123 36.84 -4.36 -9.91
CA ILE B 123 36.41 -3.26 -9.04
C ILE B 123 36.55 -3.70 -7.57
N ASN B 124 37.62 -3.25 -6.93
CA ASN B 124 37.87 -3.51 -5.50
C ASN B 124 37.35 -2.38 -4.62
N LEU B 125 37.49 -2.53 -3.30
CA LEU B 125 36.98 -1.54 -2.35
C LEU B 125 37.50 -0.12 -2.65
N LYS B 126 38.78 -0.01 -2.95
CA LYS B 126 39.34 1.29 -3.30
C LYS B 126 38.59 1.93 -4.48
N GLN B 127 38.29 1.14 -5.50
CA GLN B 127 37.59 1.66 -6.67
C GLN B 127 36.16 2.00 -6.34
N GLN B 128 35.53 1.22 -5.46
CA GLN B 128 34.18 1.48 -5.00
C GLN B 128 34.10 2.82 -4.25
N LEU B 129 35.09 3.07 -3.39
CA LEU B 129 35.16 4.32 -2.69
C LEU B 129 35.43 5.49 -3.64
N LYS B 130 36.19 5.29 -4.70
CA LYS B 130 36.42 6.37 -5.66
C LYS B 130 35.14 6.66 -6.43
N TYR B 131 34.39 5.61 -6.77
CA TYR B 131 33.07 5.82 -7.37
C TYR B 131 32.17 6.60 -6.44
N ALA B 132 32.19 6.23 -5.18
CA ALA B 132 31.36 6.91 -4.16
C ALA B 132 31.66 8.40 -4.06
N VAL B 133 32.94 8.78 -4.05
CA VAL B 133 33.36 10.20 -4.06
C VAL B 133 32.83 10.93 -5.31
N GLN B 134 32.94 10.29 -6.47
CA GLN B 134 32.45 10.86 -7.71
C GLN B 134 30.95 11.08 -7.71
N ILE B 135 30.19 10.13 -7.18
CA ILE B 135 28.75 10.29 -7.01
C ILE B 135 28.45 11.46 -6.08
N CYS B 136 29.15 11.54 -4.95
CA CYS B 136 29.03 12.70 -4.07
C CYS B 136 29.36 14.05 -4.72
N LYS B 137 30.42 14.11 -5.54
CA LYS B 137 30.79 15.34 -6.23
C LYS B 137 29.71 15.78 -7.21
N GLY B 138 29.15 14.84 -7.98
CA GLY B 138 28.04 15.14 -8.90
C GLY B 138 26.82 15.63 -8.13
N MET B 139 26.47 14.94 -7.06
CA MET B 139 25.31 15.30 -6.25
C MET B 139 25.49 16.63 -5.54
N ASP B 140 26.70 16.90 -5.07
CA ASP B 140 26.98 18.19 -4.43
C ASP B 140 26.87 19.34 -5.43
N TYR B 141 27.37 19.13 -6.63
CA TYR B 141 27.18 20.10 -7.71
C TYR B 141 25.69 20.41 -7.97
N LEU B 142 24.89 19.35 -8.08
CA LEU B 142 23.44 19.47 -8.29
C LEU B 142 22.76 20.26 -7.20
N GLY B 143 23.10 19.93 -5.95
CA GLY B 143 22.66 20.67 -4.78
C GLY B 143 23.05 22.14 -4.80
N SER B 144 24.27 22.43 -5.25
CA SER B 144 24.74 23.82 -5.44
C SER B 144 23.91 24.60 -6.48
N ARG B 145 23.29 23.90 -7.43
CA ARG B 145 22.41 24.52 -8.41
C ARG B 145 20.97 24.55 -7.93
N GLN B 146 20.76 24.26 -6.63
CA GLN B 146 19.45 24.28 -5.97
C GLN B 146 18.44 23.24 -6.48
N TYR B 147 18.97 22.07 -6.85
CA TYR B 147 18.15 20.93 -7.24
C TYR B 147 18.19 19.79 -6.23
N VAL B 148 17.04 19.13 -6.08
CA VAL B 148 16.99 17.86 -5.40
C VAL B 148 16.71 16.79 -6.47
N HIS B 149 17.47 15.70 -6.42
CA HIS B 149 17.41 14.67 -7.47
C HIS B 149 16.19 13.73 -7.35
N ARG B 150 15.97 13.22 -6.15
CA ARG B 150 14.82 12.38 -5.80
C ARG B 150 14.84 10.94 -6.33
N ASP B 151 15.87 10.51 -7.05
CA ASP B 151 15.89 9.20 -7.68
C ASP B 151 17.30 8.59 -7.74
N LEU B 152 18.11 8.88 -6.73
CA LEU B 152 19.50 8.42 -6.74
C LEU B 152 19.51 6.94 -6.36
N ALA B 153 19.95 6.12 -7.30
CA ALA B 153 20.02 4.67 -7.16
C ALA B 153 21.08 4.21 -8.16
N ALA B 154 21.63 3.03 -7.93
CA ALA B 154 22.68 2.49 -8.79
C ALA B 154 22.25 2.36 -10.25
N ARG B 155 20.95 2.08 -10.50
CA ARG B 155 20.43 2.03 -11.86
C ARG B 155 20.55 3.38 -12.61
N ASN B 156 20.73 4.46 -11.87
CA ASN B 156 20.85 5.80 -12.47
C ASN B 156 22.27 6.35 -12.48
N VAL B 157 23.23 5.53 -12.08
CA VAL B 157 24.62 5.90 -12.12
C VAL B 157 25.26 5.13 -13.27
N LEU B 158 25.81 5.87 -14.21
CA LEU B 158 26.45 5.28 -15.39
C LEU B 158 27.96 5.13 -15.21
N VAL B 159 28.50 4.12 -15.87
CA VAL B 159 29.93 3.85 -15.86
C VAL B 159 30.55 4.40 -17.14
N GLU B 160 31.35 5.45 -16.99
CA GLU B 160 32.12 6.02 -18.10
C GLU B 160 33.34 5.13 -18.41
N SER B 161 33.97 4.63 -17.36
CA SER B 161 35.11 3.73 -17.50
C SER B 161 35.28 3.02 -16.18
N GLU B 162 36.28 2.15 -16.11
CA GLU B 162 36.67 1.50 -14.87
C GLU B 162 36.96 2.53 -13.76
N HIS B 163 37.36 3.72 -14.15
CA HIS B 163 37.79 4.76 -13.22
C HIS B 163 36.84 5.94 -13.02
N GLN B 164 35.69 5.94 -13.71
CA GLN B 164 34.79 7.11 -13.66
C GLN B 164 33.33 6.73 -13.83
N VAL B 165 32.48 7.27 -12.97
CA VAL B 165 31.02 7.15 -13.07
C VAL B 165 30.38 8.55 -13.24
N LYS B 166 29.14 8.55 -13.74
CA LYS B 166 28.35 9.76 -13.93
C LYS B 166 26.91 9.51 -13.52
N ILE B 167 26.32 10.52 -12.89
CA ILE B 167 24.88 10.51 -12.65
C ILE B 167 24.18 10.61 -14.01
N GLY B 168 23.28 9.66 -14.30
CA GLY B 168 22.83 9.46 -15.68
C GLY B 168 21.36 9.64 -15.97
N ASP B 169 20.59 10.17 -15.00
CA ASP B 169 19.14 10.39 -15.18
C ASP B 169 18.70 11.48 -14.24
N PHE B 170 17.82 12.36 -14.72
CA PHE B 170 17.32 13.51 -13.95
C PHE B 170 15.81 13.64 -14.07
N GLY B 171 15.16 12.50 -14.30
CA GLY B 171 13.73 12.43 -14.57
C GLY B 171 12.79 12.91 -13.48
N LEU B 172 13.26 12.87 -12.24
CA LEU B 172 12.47 13.30 -11.08
C LEU B 172 13.03 14.57 -10.42
N THR B 173 14.07 15.15 -11.01
CA THR B 173 14.79 16.26 -10.41
C THR B 173 13.92 17.53 -10.34
N LYS B 174 14.00 18.23 -9.20
CA LYS B 174 13.12 19.38 -8.91
C LYS B 174 13.93 20.51 -8.33
N ALA B 175 13.58 21.74 -8.70
CA ALA B 175 14.21 22.94 -8.15
C ALA B 175 13.64 23.21 -6.75
N ILE B 176 14.51 23.38 -5.76
CA ILE B 176 14.09 23.89 -4.46
C ILE B 176 14.06 25.43 -4.50
N GLU B 177 12.96 26.00 -4.05
CA GLU B 177 12.83 27.46 -4.02
C GLU B 177 13.94 28.14 -3.20
N THR B 178 14.35 29.32 -3.67
CA THR B 178 15.25 30.18 -2.91
C THR B 178 14.53 30.54 -1.60
N ASP B 179 15.27 30.52 -0.49
CA ASP B 179 14.71 30.72 0.87
C ASP B 179 13.79 29.58 1.34
N LYS B 180 13.84 28.42 0.67
CA LYS B 180 13.12 27.22 1.12
C LYS B 180 14.12 26.07 1.26
N GLU B 181 13.73 25.09 2.08
CA GLU B 181 14.59 23.96 2.43
C GLU B 181 14.28 22.70 1.63
N THR B 184 8.02 20.06 -2.15
CA THR B 184 6.94 19.12 -1.81
C THR B 184 6.32 18.52 -3.07
N VAL B 185 6.22 17.18 -3.13
CA VAL B 185 5.72 16.51 -4.36
C VAL B 185 4.27 16.00 -4.24
N LYS B 186 3.55 16.02 -5.37
CA LYS B 186 2.17 15.53 -5.46
C LYS B 186 2.10 14.15 -6.10
N ASP B 187 2.71 14.01 -7.28
CA ASP B 187 2.79 12.72 -7.95
C ASP B 187 3.85 11.86 -7.24
N ASP B 188 3.39 10.81 -6.56
CA ASP B 188 4.27 9.91 -5.78
C ASP B 188 3.95 8.42 -5.98
N ARG B 189 3.14 8.15 -6.99
CA ARG B 189 2.58 6.82 -7.26
C ARG B 189 3.68 5.78 -7.50
N ASP B 190 4.67 6.14 -8.31
CA ASP B 190 5.76 5.23 -8.66
C ASP B 190 7.06 5.64 -7.97
N SER B 191 7.00 5.87 -6.66
CA SER B 191 8.19 6.27 -5.90
C SER B 191 9.11 5.07 -5.63
N PRO B 192 10.45 5.29 -5.67
CA PRO B 192 11.40 4.26 -5.26
C PRO B 192 11.53 4.22 -3.73
N VAL B 193 10.48 3.71 -3.08
CA VAL B 193 10.31 3.92 -1.64
C VAL B 193 11.43 3.35 -0.78
N PHE B 194 12.10 2.31 -1.26
CA PHE B 194 13.20 1.71 -0.51
C PHE B 194 14.51 2.50 -0.55
N TRP B 195 14.54 3.57 -1.35
CA TRP B 195 15.63 4.53 -1.38
C TRP B 195 15.25 5.84 -0.71
N TYR B 196 14.03 5.94 -0.18
CA TYR B 196 13.48 7.22 0.28
C TYR B 196 13.63 7.47 1.78
N ALA B 197 13.99 8.70 2.12
CA ALA B 197 14.09 9.11 3.52
C ALA B 197 12.69 9.16 4.18
N PRO B 198 12.63 9.06 5.51
CA PRO B 198 11.36 9.16 6.25
C PRO B 198 10.50 10.37 5.87
N GLU B 199 11.11 11.56 5.77
CA GLU B 199 10.34 12.77 5.47
C GLU B 199 9.72 12.73 4.08
N CYS B 200 10.36 12.01 3.16
CA CYS B 200 9.84 11.80 1.82
C CYS B 200 8.66 10.85 1.85
N LEU B 201 8.78 9.78 2.64
CA LEU B 201 7.72 8.77 2.75
C LEU B 201 6.53 9.30 3.56
N MET B 202 6.81 9.95 4.68
CA MET B 202 5.75 10.40 5.58
C MET B 202 5.06 11.66 5.08
N GLN B 203 5.83 12.59 4.50
CA GLN B 203 5.31 13.91 4.15
C GLN B 203 5.57 14.39 2.72
N SER B 204 6.17 13.54 1.88
CA SER B 204 6.48 13.93 0.49
C SER B 204 7.26 15.26 0.40
N LYS B 205 8.11 15.50 1.39
CA LYS B 205 9.04 16.63 1.43
C LYS B 205 10.44 16.16 1.05
N PHE B 206 11.05 16.81 0.07
CA PHE B 206 12.38 16.44 -0.43
C PHE B 206 13.42 17.54 -0.22
N TYR B 207 14.40 17.23 0.64
CA TYR B 207 15.53 18.12 0.94
C TYR B 207 16.77 17.63 0.24
N ILE B 208 17.78 18.48 0.13
CA ILE B 208 19.13 18.00 -0.21
C ILE B 208 19.54 16.84 0.72
N ALA B 209 19.24 16.94 2.02
CA ALA B 209 19.51 15.83 2.95
C ALA B 209 18.76 14.52 2.61
N SER B 210 17.65 14.61 1.87
CA SER B 210 16.96 13.41 1.39
C SER B 210 17.73 12.68 0.28
N ASP B 211 18.44 13.44 -0.57
CA ASP B 211 19.35 12.85 -1.56
C ASP B 211 20.52 12.21 -0.86
N VAL B 212 20.98 12.81 0.24
CA VAL B 212 22.01 12.16 1.06
C VAL B 212 21.54 10.78 1.55
N TRP B 213 20.29 10.69 1.99
CA TRP B 213 19.75 9.40 2.42
C TRP B 213 19.78 8.39 1.29
N SER B 214 19.29 8.82 0.12
CA SER B 214 19.29 7.96 -1.08
C SER B 214 20.71 7.55 -1.47
N PHE B 215 21.66 8.46 -1.27
CA PHE B 215 23.06 8.15 -1.53
C PHE B 215 23.53 6.99 -0.66
N GLY B 216 23.18 7.02 0.63
CA GLY B 216 23.52 5.92 1.54
C GLY B 216 23.07 4.55 1.03
N VAL B 217 21.83 4.48 0.55
CA VAL B 217 21.27 3.24 -0.04
C VAL B 217 22.00 2.86 -1.34
N THR B 218 22.30 3.85 -2.17
CA THR B 218 23.08 3.65 -3.40
C THR B 218 24.50 3.12 -3.09
N LEU B 219 25.10 3.63 -2.02
CA LEU B 219 26.40 3.16 -1.56
C LEU B 219 26.31 1.69 -1.14
N HIS B 220 25.24 1.34 -0.45
CA HIS B 220 24.98 -0.05 -0.07
C HIS B 220 24.93 -0.98 -1.31
N GLU B 221 24.23 -0.53 -2.34
CA GLU B 221 24.16 -1.24 -3.62
C GLU B 221 25.54 -1.41 -4.26
N LEU B 222 26.29 -0.32 -4.32
CA LEU B 222 27.64 -0.32 -4.86
C LEU B 222 28.49 -1.36 -4.15
N LEU B 223 28.46 -1.33 -2.82
CA LEU B 223 29.28 -2.22 -2.00
C LEU B 223 28.88 -3.69 -2.11
N THR B 224 27.61 -3.97 -2.46
CA THR B 224 27.15 -5.33 -2.70
C THR B 224 27.20 -5.72 -4.19
N TYR B 225 27.83 -4.87 -5.01
CA TYR B 225 27.97 -5.11 -6.44
C TYR B 225 26.60 -5.29 -7.10
N CYS B 226 25.60 -4.57 -6.57
CA CYS B 226 24.26 -4.58 -7.12
C CYS B 226 23.70 -5.99 -7.29
N ASP B 227 23.99 -6.90 -6.35
CA ASP B 227 23.41 -8.23 -6.46
C ASP B 227 21.94 -8.16 -6.08
N SER B 228 21.10 -8.78 -6.89
CA SER B 228 19.64 -8.73 -6.70
C SER B 228 19.21 -9.30 -5.35
N ASP B 229 19.90 -10.32 -4.85
CA ASP B 229 19.53 -10.95 -3.58
C ASP B 229 19.87 -10.08 -2.36
N SER B 230 20.71 -9.07 -2.57
CA SER B 230 21.12 -8.13 -1.54
C SER B 230 20.60 -6.71 -1.82
N SER B 231 19.68 -6.56 -2.78
CA SER B 231 19.19 -5.24 -3.14
C SER B 231 18.40 -4.64 -1.97
N PRO B 232 18.33 -3.31 -1.91
CA PRO B 232 17.59 -2.64 -0.83
C PRO B 232 16.16 -3.11 -0.70
N MET B 233 15.51 -3.37 -1.82
CA MET B 233 14.13 -3.87 -1.80
C MET B 233 14.07 -5.26 -1.19
N ALA B 234 14.94 -6.15 -1.67
CA ALA B 234 15.03 -7.52 -1.14
C ALA B 234 15.29 -7.55 0.36
N LEU B 235 16.26 -6.76 0.81
CA LEU B 235 16.64 -6.74 2.23
C LEU B 235 15.55 -6.14 3.12
N PHE B 236 14.97 -5.02 2.70
CA PHE B 236 13.88 -4.39 3.47
C PHE B 236 12.63 -5.26 3.55
N LEU B 237 12.26 -5.89 2.44
CA LEU B 237 11.09 -6.77 2.41
C LEU B 237 11.29 -7.99 3.31
N LYS B 238 12.55 -8.40 3.47
CA LYS B 238 12.93 -9.42 4.43
C LYS B 238 12.69 -8.91 5.85
N MET B 239 13.11 -7.67 6.14
CA MET B 239 12.89 -7.08 7.47
C MET B 239 11.41 -6.97 7.82
N ILE B 240 10.60 -6.53 6.87
CA ILE B 240 9.20 -6.17 7.16
C ILE B 240 8.16 -7.21 6.71
N GLY B 241 8.55 -8.12 5.81
CA GLY B 241 7.62 -9.07 5.17
C GLY B 241 7.30 -8.63 3.76
N PRO B 242 7.28 -9.59 2.79
CA PRO B 242 7.00 -9.26 1.38
C PRO B 242 5.53 -9.29 0.94
N THR B 243 4.62 -9.74 1.79
CA THR B 243 3.23 -9.93 1.40
C THR B 243 2.28 -9.00 2.16
N HIS B 244 2.59 -7.70 2.14
CA HIS B 244 1.81 -6.69 2.87
C HIS B 244 1.07 -5.69 1.98
N GLY B 245 1.32 -5.74 0.66
CA GLY B 245 0.61 -4.91 -0.31
C GLY B 245 0.66 -3.43 0.00
N GLN B 246 -0.50 -2.85 0.29
CA GLN B 246 -0.65 -1.41 0.51
C GLN B 246 -0.17 -0.94 1.88
N MET B 247 0.14 -1.88 2.77
CA MET B 247 0.73 -1.54 4.07
C MET B 247 2.26 -1.52 4.05
N THR B 248 2.86 -1.78 2.88
CA THR B 248 4.31 -1.85 2.77
C THR B 248 5.00 -0.61 3.32
N VAL B 249 4.56 0.57 2.87
CA VAL B 249 5.24 1.83 3.20
C VAL B 249 5.08 2.22 4.67
N THR B 250 3.89 1.98 5.23
CA THR B 250 3.69 2.24 6.65
C THR B 250 4.57 1.29 7.49
N ARG B 251 4.66 0.03 7.10
CA ARG B 251 5.55 -0.93 7.76
C ARG B 251 7.03 -0.55 7.61
N LEU B 252 7.37 0.00 6.45
CA LEU B 252 8.73 0.49 6.20
C LEU B 252 9.05 1.66 7.14
N VAL B 253 8.17 2.64 7.16
CA VAL B 253 8.29 3.83 8.01
C VAL B 253 8.45 3.45 9.49
N ASN B 254 7.71 2.44 9.92
CA ASN B 254 7.81 1.96 11.30
C ASN B 254 9.17 1.36 11.61
N THR B 255 9.67 0.52 10.70
CA THR B 255 11.00 -0.05 10.84
C THR B 255 12.04 1.07 11.03
N LEU B 256 12.03 2.05 10.13
CA LEU B 256 12.93 3.21 10.20
C LEU B 256 12.74 4.03 11.49
N LYS B 257 11.50 4.12 11.96
CA LYS B 257 11.23 4.75 13.25
C LYS B 257 11.89 3.99 14.41
N GLU B 258 11.94 2.66 14.29
CA GLU B 258 12.52 1.81 15.33
C GLU B 258 14.06 1.81 15.32
N GLY B 259 14.67 2.43 14.32
CA GLY B 259 16.12 2.52 14.22
C GLY B 259 16.76 1.44 13.38
N LYS B 260 15.93 0.58 12.80
CA LYS B 260 16.42 -0.50 11.94
C LYS B 260 16.92 0.09 10.61
N ARG B 261 18.15 -0.26 10.26
CA ARG B 261 18.73 0.23 9.01
C ARG B 261 19.24 -0.96 8.26
N LEU B 262 19.55 -0.78 6.98
CA LEU B 262 20.14 -1.85 6.18
C LEU B 262 21.44 -2.29 6.85
N PRO B 263 21.73 -3.59 6.83
CA PRO B 263 22.94 -4.13 7.49
C PRO B 263 24.22 -3.81 6.72
N CYS B 264 25.36 -4.01 7.39
CA CYS B 264 26.67 -3.82 6.77
C CYS B 264 26.92 -4.81 5.62
N PRO B 265 27.28 -4.30 4.42
CA PRO B 265 27.62 -5.24 3.35
C PRO B 265 28.75 -6.19 3.73
N PRO B 266 28.75 -7.42 3.15
CA PRO B 266 29.90 -8.27 3.33
C PRO B 266 31.19 -7.56 2.95
N ASN B 267 32.23 -7.80 3.75
CA ASN B 267 33.56 -7.25 3.50
C ASN B 267 33.65 -5.71 3.55
N CYS B 268 32.61 -5.07 4.05
CA CYS B 268 32.64 -3.60 4.17
C CYS B 268 33.20 -3.23 5.54
N PRO B 269 34.31 -2.48 5.57
CA PRO B 269 34.88 -2.09 6.85
C PRO B 269 33.98 -1.14 7.64
N ASP B 270 34.06 -1.20 8.96
CA ASP B 270 33.16 -0.44 9.84
C ASP B 270 33.23 1.07 9.57
N GLU B 271 34.43 1.57 9.31
CA GLU B 271 34.60 2.99 8.98
C GLU B 271 33.72 3.43 7.79
N VAL B 272 33.70 2.62 6.73
CA VAL B 272 32.82 2.89 5.57
C VAL B 272 31.35 2.79 5.97
N TYR B 273 31.01 1.76 6.74
CA TYR B 273 29.62 1.55 7.18
C TYR B 273 29.11 2.67 8.07
N GLN B 274 29.99 3.23 8.92
CA GLN B 274 29.61 4.35 9.76
C GLN B 274 29.29 5.60 8.93
N LEU B 275 30.06 5.82 7.88
CA LEU B 275 29.79 6.92 6.96
C LEU B 275 28.40 6.73 6.35
N MET B 276 28.08 5.48 6.02
CA MET B 276 26.79 5.12 5.45
C MET B 276 25.67 5.34 6.45
N ARG B 277 25.93 5.01 7.72
CA ARG B 277 24.96 5.26 8.78
C ARG B 277 24.68 6.75 8.99
N LYS B 278 25.65 7.62 8.75
CA LYS B 278 25.41 9.06 8.91
C LYS B 278 24.51 9.64 7.79
N CYS B 279 24.37 8.90 6.68
CA CYS B 279 23.36 9.22 5.64
C CYS B 279 21.94 8.92 6.09
N TRP B 280 21.80 8.06 7.09
CA TRP B 280 20.50 7.57 7.48
C TRP B 280 20.05 8.02 8.89
N GLU B 281 20.52 9.16 9.37
CA GLU B 281 19.95 9.76 10.60
C GLU B 281 18.48 10.09 10.33
N PHE B 282 17.58 9.76 11.25
CA PHE B 282 16.13 9.91 11.01
C PHE B 282 15.75 11.36 10.63
N GLN B 283 16.32 12.34 11.34
CA GLN B 283 16.05 13.74 11.05
C GLN B 283 17.00 14.27 9.96
N PRO B 284 16.47 14.87 8.88
CA PRO B 284 17.30 15.39 7.78
C PRO B 284 18.40 16.35 8.24
N SER B 285 18.09 17.19 9.23
CA SER B 285 19.03 18.18 9.73
C SER B 285 20.25 17.59 10.43
N ASN B 286 20.13 16.34 10.90
CA ASN B 286 21.24 15.61 11.54
C ASN B 286 22.11 14.75 10.61
N ARG B 287 21.74 14.70 9.34
CA ARG B 287 22.47 13.87 8.39
C ARG B 287 23.74 14.51 7.93
N THR B 288 24.70 13.68 7.54
CA THR B 288 25.93 14.13 6.97
C THR B 288 25.65 14.89 5.67
N SER B 289 26.63 15.69 5.25
CA SER B 289 26.55 16.38 3.96
C SER B 289 27.35 15.59 2.94
N PHE B 290 27.16 15.88 1.66
CA PHE B 290 28.01 15.32 0.61
C PHE B 290 29.46 15.77 0.78
N GLN B 291 29.65 16.99 1.27
CA GLN B 291 31.03 17.46 1.48
C GLN B 291 31.76 16.58 2.51
N ASN B 292 31.08 16.32 3.62
CA ASN B 292 31.62 15.51 4.69
C ASN B 292 31.87 14.06 4.26
N LEU B 293 30.97 13.53 3.42
CA LEU B 293 31.18 12.20 2.83
C LEU B 293 32.45 12.15 1.99
N ILE B 294 32.61 13.13 1.10
CA ILE B 294 33.82 13.24 0.28
C ILE B 294 35.08 13.25 1.15
N GLU B 295 35.11 14.10 2.17
CA GLU B 295 36.24 14.14 3.09
C GLU B 295 36.49 12.78 3.75
N GLY B 296 35.43 12.14 4.23
CA GLY B 296 35.52 10.84 4.90
C GLY B 296 36.08 9.73 4.02
N PHE B 297 35.61 9.67 2.78
CA PHE B 297 36.11 8.71 1.80
C PHE B 297 37.56 9.00 1.44
N GLU B 298 37.85 10.27 1.16
CA GLU B 298 39.20 10.66 0.75
C GLU B 298 40.23 10.36 1.84
N ALA B 299 39.83 10.44 3.10
CA ALA B 299 40.72 10.09 4.22
C ALA B 299 41.03 8.60 4.19
N LEU B 300 40.03 7.78 3.90
CA LEU B 300 40.20 6.33 3.80
C LEU B 300 41.04 5.94 2.57
N LEU B 301 41.06 6.79 1.56
CA LEU B 301 41.76 6.47 0.31
C LEU B 301 43.26 6.81 0.37
N LYS B 302 43.64 7.67 1.31
CA LYS B 302 45.06 7.97 1.56
C LYS B 302 45.77 6.80 2.25
#